data_8HLW
#
_entry.id   8HLW
#
_cell.length_a   97.449
_cell.length_b   97.449
_cell.length_c   53.583
_cell.angle_alpha   90.00
_cell.angle_beta   90.00
_cell.angle_gamma   120.00
#
_symmetry.space_group_name_H-M   'P 65'
#
loop_
_entity.id
_entity.type
_entity.pdbx_description
1 polymer 'NAD-dependent protein deacetylase sirtuin-3, mitochondrial'
2 polymer 'Histone H4 residues 20-27'
3 non-polymer 'ZINC ION'
4 non-polymer '(2S)-2-HYDROXYPROPANOIC ACID'
5 water water
#
loop_
_entity_poly.entity_id
_entity_poly.type
_entity_poly.pdbx_seq_one_letter_code
_entity_poly.pdbx_strand_id
1 'polypeptide(L)'
;DKGKLSLQDVAELIRARACQRVVVMVGAGISTPSGIPDFRSPGSGLYSNLQQYDLPYPEAIFELPFFFHNPKPFFTLAKE
LYPGNYKPNVTHYFLRLLHDKGLLLRLYTQNIDGLERVSGIPASKLVEAHGTFASATCTVCQRPFPGEDIRADVMADRVP
RCPVCTGVVKPDIVFFGEPLPQRFLLHVVDFPMADLLLILGTSLEVEPFASLTEAVRSSVPRLLINRDLVGPLAWHPRSR
DVAQLGDVVHGVESLVELLGWTEEMRDLVQRETGKLDGPDK
;
A
2 'polypeptide(L)' GGAKRHRK B
#
# COMPACT_ATOMS: atom_id res chain seq x y z
N GLY A 3 -2.92 -5.01 32.39
CA GLY A 3 -2.55 -6.15 31.58
C GLY A 3 -2.06 -5.77 30.19
N LYS A 4 -2.35 -6.60 29.20
CA LYS A 4 -1.94 -6.35 27.83
C LYS A 4 -3.03 -5.62 27.06
N LEU A 5 -2.63 -4.90 26.02
CA LEU A 5 -3.56 -4.12 25.22
C LEU A 5 -4.36 -5.03 24.30
N SER A 6 -5.63 -4.68 24.10
CA SER A 6 -6.54 -5.40 23.22
C SER A 6 -7.02 -4.48 22.10
N LEU A 7 -7.69 -5.08 21.11
CA LEU A 7 -8.28 -4.27 20.05
C LEU A 7 -9.29 -3.28 20.61
N GLN A 8 -10.02 -3.69 21.66
CA GLN A 8 -10.99 -2.79 22.29
C GLN A 8 -10.29 -1.63 22.98
N ASP A 9 -9.14 -1.89 23.61
CA ASP A 9 -8.41 -0.82 24.28
C ASP A 9 -7.87 0.21 23.28
N VAL A 10 -7.44 -0.26 22.10
CA VAL A 10 -6.95 0.66 21.07
C VAL A 10 -8.10 1.48 20.48
N ALA A 11 -9.26 0.84 20.27
CA ALA A 11 -10.43 1.59 19.84
C ALA A 11 -10.84 2.62 20.89
N GLU A 12 -10.72 2.25 22.17
CA GLU A 12 -11.02 3.19 23.25
C GLU A 12 -10.03 4.35 23.24
N LEU A 13 -8.76 4.06 22.93
CA LEU A 13 -7.77 5.14 22.85
C LEU A 13 -8.08 6.08 21.70
N ILE A 14 -8.59 5.55 20.58
CA ILE A 14 -8.93 6.38 19.44
C ILE A 14 -10.18 7.21 19.72
N ARG A 15 -11.18 6.59 20.36
CA ARG A 15 -12.42 7.30 20.66
C ARG A 15 -12.19 8.41 21.68
N ALA A 16 -11.31 8.17 22.64
CA ALA A 16 -10.92 9.20 23.60
C ALA A 16 -9.99 10.25 23.01
N ARG A 17 -9.62 10.11 21.73
CA ARG A 17 -8.69 11.03 21.09
C ARG A 17 -7.33 11.05 21.79
N ALA A 18 -6.96 9.93 22.43
CA ALA A 18 -5.61 9.80 22.95
C ALA A 18 -4.60 9.55 21.83
N CYS A 19 -5.05 9.00 20.70
CA CYS A 19 -4.22 8.79 19.52
C CYS A 19 -4.75 9.67 18.40
N GLN A 20 -3.93 10.62 17.95
CA GLN A 20 -4.31 11.52 16.87
C GLN A 20 -3.27 11.62 15.77
N ARG A 21 -2.16 10.88 15.87
CA ARG A 21 -1.12 10.87 14.85
C ARG A 21 -0.94 9.45 14.32
N VAL A 22 -2.01 8.90 13.75
CA VAL A 22 -1.99 7.50 13.31
C VAL A 22 -1.19 7.40 12.03
N VAL A 23 -0.22 6.49 12.00
CA VAL A 23 0.51 6.13 10.80
C VAL A 23 0.11 4.71 10.43
N VAL A 24 -0.18 4.49 9.15
CA VAL A 24 -0.73 3.23 8.69
C VAL A 24 0.18 2.63 7.64
N MET A 25 0.38 1.32 7.73
CA MET A 25 1.12 0.55 6.74
C MET A 25 0.17 -0.51 6.19
N VAL A 26 0.11 -0.63 4.86
CA VAL A 26 -0.80 -1.57 4.22
C VAL A 26 -0.07 -2.28 3.09
N GLY A 27 -0.58 -3.46 2.75
CA GLY A 27 -0.04 -4.25 1.66
C GLY A 27 -1.13 -4.96 0.90
N ALA A 28 -0.77 -6.04 0.19
CA ALA A 28 -1.70 -6.72 -0.70
C ALA A 28 -2.93 -7.25 0.02
N GLY A 29 -2.85 -7.46 1.33
CA GLY A 29 -3.98 -8.02 2.06
C GLY A 29 -5.22 -7.14 1.99
N ILE A 30 -5.04 -5.84 1.78
CA ILE A 30 -6.18 -4.92 1.69
C ILE A 30 -6.61 -4.66 0.25
N SER A 31 -5.85 -5.16 -0.72
CA SER A 31 -6.19 -5.02 -2.14
C SER A 31 -6.84 -6.27 -2.71
N THR A 32 -6.54 -7.44 -2.16
CA THR A 32 -7.17 -8.67 -2.63
C THR A 32 -8.68 -8.66 -2.50
N PRO A 33 -9.29 -8.09 -1.45
CA PRO A 33 -10.76 -8.08 -1.39
C PRO A 33 -11.40 -7.22 -2.46
N SER A 34 -10.65 -6.33 -3.11
CA SER A 34 -11.17 -5.51 -4.19
C SER A 34 -11.07 -6.17 -5.56
N GLY A 35 -10.52 -7.39 -5.62
CA GLY A 35 -10.33 -8.08 -6.87
C GLY A 35 -8.92 -8.01 -7.42
N ILE A 36 -8.04 -7.21 -6.82
CA ILE A 36 -6.66 -7.14 -7.30
C ILE A 36 -6.06 -8.54 -7.29
N PRO A 37 -5.39 -8.98 -8.36
CA PRO A 37 -4.81 -10.32 -8.37
C PRO A 37 -3.54 -10.42 -7.55
N ASP A 38 -3.27 -11.63 -7.06
CA ASP A 38 -2.02 -11.90 -6.39
C ASP A 38 -0.86 -11.74 -7.36
N PHE A 39 0.17 -10.99 -6.93
CA PHE A 39 1.30 -10.72 -7.80
C PHE A 39 2.24 -11.91 -7.94
N ARG A 40 2.12 -12.91 -7.05
CA ARG A 40 2.91 -14.13 -7.17
C ARG A 40 2.23 -15.15 -8.08
N SER A 41 0.92 -15.32 -7.94
CA SER A 41 0.14 -16.26 -8.74
C SER A 41 -0.56 -15.50 -9.85
N PRO A 42 -0.03 -15.49 -11.07
CA PRO A 42 -0.61 -14.65 -12.13
C PRO A 42 -1.80 -15.35 -12.79
N GLY A 43 -2.34 -14.68 -13.81
CA GLY A 43 -3.46 -15.20 -14.56
C GLY A 43 -4.82 -14.88 -14.00
N SER A 44 -4.91 -14.37 -12.78
CA SER A 44 -6.18 -14.05 -12.16
C SER A 44 -7.10 -15.27 -12.13
N ASP A 54 5.47 -17.65 -17.35
CA ASP A 54 6.74 -16.99 -17.61
C ASP A 54 7.35 -16.50 -16.29
N LEU A 55 7.85 -17.42 -15.48
CA LEU A 55 8.32 -17.11 -14.14
C LEU A 55 9.56 -17.94 -13.82
N PRO A 56 10.75 -17.40 -14.05
CA PRO A 56 11.95 -18.01 -13.43
C PRO A 56 11.74 -18.18 -11.93
N TYR A 57 11.32 -17.10 -11.27
CA TYR A 57 10.85 -17.10 -9.89
C TYR A 57 9.83 -15.98 -9.76
N PRO A 58 8.93 -16.06 -8.78
CA PRO A 58 7.78 -15.14 -8.75
C PRO A 58 8.15 -13.68 -8.88
N GLU A 59 9.34 -13.29 -8.42
CA GLU A 59 9.71 -11.88 -8.39
C GLU A 59 10.17 -11.35 -9.75
N ALA A 60 10.21 -12.19 -10.78
CA ALA A 60 10.71 -11.74 -12.08
C ALA A 60 9.85 -10.62 -12.66
N ILE A 61 8.53 -10.67 -12.41
CA ILE A 61 7.63 -9.65 -12.96
C ILE A 61 8.10 -8.25 -12.60
N PHE A 62 8.75 -8.09 -11.46
CA PHE A 62 9.23 -6.80 -11.00
C PHE A 62 10.76 -6.76 -10.93
N GLU A 63 11.42 -7.37 -11.89
CA GLU A 63 12.88 -7.41 -11.95
C GLU A 63 13.36 -6.87 -13.29
N LEU A 64 14.33 -5.95 -13.23
CA LEU A 64 14.67 -5.18 -14.43
C LEU A 64 15.30 -6.04 -15.53
N PRO A 65 16.24 -6.94 -15.23
CA PRO A 65 16.81 -7.74 -16.32
C PRO A 65 15.78 -8.53 -17.10
N PHE A 66 14.84 -9.19 -16.41
CA PHE A 66 13.78 -9.88 -17.11
C PHE A 66 12.91 -8.90 -17.89
N PHE A 67 12.53 -7.79 -17.26
CA PHE A 67 11.75 -6.77 -17.94
C PHE A 67 12.37 -6.38 -19.26
N PHE A 68 13.70 -6.23 -19.29
CA PHE A 68 14.38 -5.92 -20.54
C PHE A 68 14.37 -7.12 -21.48
N HIS A 69 14.51 -8.33 -20.94
CA HIS A 69 14.40 -9.53 -21.76
C HIS A 69 13.01 -9.62 -22.39
N ASN A 70 11.98 -9.54 -21.57
CA ASN A 70 10.60 -9.67 -22.02
C ASN A 70 9.71 -8.81 -21.12
N PRO A 71 9.32 -7.62 -21.58
CA PRO A 71 8.46 -6.76 -20.75
C PRO A 71 6.97 -7.01 -20.89
N LYS A 72 6.55 -7.92 -21.77
CA LYS A 72 5.12 -8.15 -21.96
C LYS A 72 4.41 -8.56 -20.69
N PRO A 73 4.95 -9.46 -19.84
CA PRO A 73 4.20 -9.86 -18.65
C PRO A 73 3.90 -8.70 -17.71
N PHE A 74 4.87 -7.80 -17.51
CA PHE A 74 4.63 -6.68 -16.63
C PHE A 74 3.57 -5.74 -17.20
N PHE A 75 3.56 -5.55 -18.53
CA PHE A 75 2.66 -4.58 -19.13
C PHE A 75 1.24 -5.11 -19.28
N THR A 76 1.05 -6.43 -19.25
CA THR A 76 -0.30 -6.98 -19.16
C THR A 76 -0.85 -6.84 -17.75
N LEU A 77 -0.04 -7.16 -16.74
CA LEU A 77 -0.45 -6.92 -15.36
C LEU A 77 -0.83 -5.46 -15.15
N ALA A 78 -0.09 -4.54 -15.76
CA ALA A 78 -0.40 -3.12 -15.62
C ALA A 78 -1.73 -2.78 -16.26
N LYS A 79 -1.96 -3.27 -17.49
CA LYS A 79 -3.24 -3.06 -18.15
C LYS A 79 -4.39 -3.46 -17.23
N GLU A 80 -4.17 -4.43 -16.35
CA GLU A 80 -5.20 -4.86 -15.41
C GLU A 80 -5.28 -3.92 -14.21
N LEU A 81 -4.13 -3.46 -13.71
CA LEU A 81 -4.09 -2.65 -12.50
C LEU A 81 -4.20 -1.15 -12.78
N TYR A 82 -4.21 -0.73 -14.04
CA TYR A 82 -4.26 0.68 -14.34
C TYR A 82 -5.56 1.28 -13.81
N PRO A 83 -5.56 2.56 -13.43
CA PRO A 83 -6.74 3.15 -12.78
C PRO A 83 -8.01 2.96 -13.60
N GLY A 84 -9.13 2.87 -12.89
CA GLY A 84 -10.45 2.81 -13.48
C GLY A 84 -11.10 1.44 -13.45
N ASN A 85 -10.31 0.37 -13.34
CA ASN A 85 -10.85 -0.98 -13.44
C ASN A 85 -11.42 -1.46 -12.11
N TYR A 86 -10.57 -1.58 -11.09
CA TYR A 86 -10.99 -2.01 -9.77
C TYR A 86 -11.39 -0.80 -8.93
N LYS A 87 -12.02 -1.08 -7.79
CA LYS A 87 -12.60 -0.04 -6.94
C LYS A 87 -12.29 -0.33 -5.49
N PRO A 88 -12.11 0.72 -4.67
CA PRO A 88 -11.72 0.51 -3.27
C PRO A 88 -12.77 -0.28 -2.50
N ASN A 89 -12.35 -0.85 -1.38
CA ASN A 89 -13.19 -1.66 -0.52
C ASN A 89 -13.19 -1.08 0.90
N VAL A 90 -13.76 -1.84 1.83
CA VAL A 90 -14.05 -1.32 3.17
C VAL A 90 -12.78 -0.85 3.85
N THR A 91 -11.67 -1.57 3.66
CA THR A 91 -10.43 -1.20 4.35
C THR A 91 -9.95 0.16 3.90
N HIS A 92 -10.05 0.46 2.61
CA HIS A 92 -9.63 1.77 2.12
C HIS A 92 -10.48 2.87 2.72
N TYR A 93 -11.80 2.68 2.76
CA TYR A 93 -12.70 3.72 3.23
C TYR A 93 -12.64 3.88 4.75
N PHE A 94 -12.18 2.85 5.47
CA PHE A 94 -11.85 3.05 6.87
C PHE A 94 -10.70 4.04 7.02
N LEU A 95 -9.62 3.81 6.26
CA LEU A 95 -8.49 4.73 6.30
C LEU A 95 -8.90 6.13 5.85
N ARG A 96 -9.76 6.20 4.83
CA ARG A 96 -10.30 7.50 4.43
C ARG A 96 -11.02 8.17 5.59
N LEU A 97 -11.79 7.40 6.37
CA LEU A 97 -12.49 7.98 7.50
C LEU A 97 -11.51 8.46 8.57
N LEU A 98 -10.45 7.68 8.83
CA LEU A 98 -9.39 8.14 9.72
C LEU A 98 -8.88 9.52 9.30
N HIS A 99 -8.64 9.69 7.99
CA HIS A 99 -8.17 10.97 7.50
C HIS A 99 -9.21 12.06 7.71
N ASP A 100 -10.46 11.79 7.31
CA ASP A 100 -11.51 12.79 7.45
C ASP A 100 -11.67 13.25 8.89
N LYS A 101 -11.45 12.35 9.85
CA LYS A 101 -11.59 12.69 11.26
C LYS A 101 -10.31 13.28 11.86
N GLY A 102 -9.35 13.66 11.01
CA GLY A 102 -8.15 14.31 11.50
C GLY A 102 -7.20 13.45 12.29
N LEU A 103 -7.29 12.13 12.14
CA LEU A 103 -6.44 11.21 12.90
C LEU A 103 -5.29 10.65 12.09
N LEU A 104 -5.27 10.83 10.78
CA LEU A 104 -4.27 10.21 9.91
C LEU A 104 -3.08 11.14 9.73
N LEU A 105 -1.93 10.72 10.23
CA LEU A 105 -0.71 11.48 9.96
C LEU A 105 -0.15 11.16 8.59
N ARG A 106 -0.13 9.88 8.22
CA ARG A 106 0.36 9.46 6.91
C ARG A 106 -0.03 8.00 6.68
N LEU A 107 -0.27 7.66 5.42
CA LEU A 107 -0.59 6.31 5.01
C LEU A 107 0.49 5.82 4.05
N TYR A 108 1.24 4.81 4.47
CA TYR A 108 2.26 4.19 3.64
C TYR A 108 1.71 2.88 3.08
N THR A 109 1.89 2.68 1.79
CA THR A 109 1.34 1.52 1.10
C THR A 109 2.41 0.90 0.20
N GLN A 110 2.37 -0.44 0.11
CA GLN A 110 3.16 -1.19 -0.85
C GLN A 110 2.41 -1.46 -2.15
N ASN A 111 1.13 -1.13 -2.21
CA ASN A 111 0.29 -1.49 -3.33
C ASN A 111 0.43 -0.46 -4.45
N ILE A 112 0.13 -0.91 -5.67
CA ILE A 112 0.33 -0.12 -6.88
C ILE A 112 -0.96 0.02 -7.69
N ASP A 113 -2.11 -0.24 -7.08
N ASP A 113 -2.10 -0.24 -7.07
CA ASP A 113 -3.38 -0.10 -7.78
CA ASP A 113 -3.39 -0.12 -7.73
C ASP A 113 -4.00 1.28 -7.62
C ASP A 113 -4.00 1.27 -7.60
N GLY A 114 -3.40 2.16 -6.82
CA GLY A 114 -3.93 3.50 -6.65
C GLY A 114 -5.25 3.61 -5.93
N LEU A 115 -5.70 2.52 -5.29
CA LEU A 115 -7.01 2.55 -4.64
C LEU A 115 -7.04 3.49 -3.44
N GLU A 116 -5.89 3.72 -2.80
CA GLU A 116 -5.84 4.68 -1.72
C GLU A 116 -6.26 6.07 -2.21
N ARG A 117 -5.69 6.50 -3.34
CA ARG A 117 -6.09 7.78 -3.91
C ARG A 117 -7.55 7.79 -4.32
N VAL A 118 -8.02 6.67 -4.90
CA VAL A 118 -9.40 6.62 -5.36
C VAL A 118 -10.36 6.70 -4.19
N SER A 119 -9.97 6.18 -3.03
CA SER A 119 -10.83 6.26 -1.86
C SER A 119 -10.97 7.68 -1.33
N GLY A 120 -10.16 8.62 -1.81
CA GLY A 120 -10.26 10.01 -1.42
C GLY A 120 -9.17 10.51 -0.50
N ILE A 121 -8.14 9.71 -0.22
CA ILE A 121 -7.04 10.14 0.64
C ILE A 121 -6.14 11.05 -0.19
N PRO A 122 -5.88 12.28 0.25
CA PRO A 122 -5.06 13.19 -0.57
C PRO A 122 -3.61 12.75 -0.64
N ALA A 123 -2.99 13.03 -1.78
CA ALA A 123 -1.60 12.64 -2.00
C ALA A 123 -0.69 13.12 -0.87
N SER A 124 -0.99 14.29 -0.29
CA SER A 124 -0.13 14.82 0.77
C SER A 124 -0.06 13.88 1.96
N LYS A 125 -1.15 13.18 2.26
CA LYS A 125 -1.20 12.24 3.37
C LYS A 125 -0.82 10.81 2.96
N LEU A 126 -0.35 10.62 1.74
CA LEU A 126 -0.11 9.29 1.19
C LEU A 126 1.33 9.15 0.74
N VAL A 127 1.89 7.96 0.95
CA VAL A 127 3.24 7.62 0.51
C VAL A 127 3.13 6.30 -0.25
N GLU A 128 3.06 6.36 -1.57
CA GLU A 128 3.05 5.17 -2.42
C GLU A 128 4.50 4.69 -2.51
N ALA A 129 4.90 3.88 -1.52
CA ALA A 129 6.30 3.57 -1.32
C ALA A 129 6.88 2.69 -2.42
N HIS A 130 6.04 2.01 -3.20
CA HIS A 130 6.50 1.15 -4.28
C HIS A 130 6.11 1.68 -5.65
N GLY A 131 5.96 2.99 -5.77
CA GLY A 131 5.73 3.59 -7.07
C GLY A 131 4.27 3.69 -7.45
N THR A 132 4.06 4.15 -8.68
CA THR A 132 2.73 4.47 -9.16
C THR A 132 2.73 4.43 -10.68
N PHE A 133 1.56 4.17 -11.25
CA PHE A 133 1.37 4.25 -12.69
C PHE A 133 1.07 5.67 -13.16
N ALA A 134 1.01 6.64 -12.24
CA ALA A 134 0.71 8.01 -12.63
C ALA A 134 1.87 8.68 -13.34
N SER A 135 3.09 8.14 -13.20
CA SER A 135 4.26 8.68 -13.86
C SER A 135 5.04 7.54 -14.51
N ALA A 136 5.89 7.90 -15.47
CA ALA A 136 6.69 6.92 -16.19
C ALA A 136 8.04 7.51 -16.50
N THR A 137 9.01 6.64 -16.76
CA THR A 137 10.39 7.05 -17.00
C THR A 137 11.01 6.15 -18.05
N CYS A 138 11.69 6.77 -19.02
CA CYS A 138 12.39 6.01 -20.04
C CYS A 138 13.56 5.26 -19.43
N THR A 139 13.70 3.99 -19.80
CA THR A 139 14.76 3.15 -19.24
C THR A 139 16.13 3.48 -19.80
N VAL A 140 16.22 4.25 -20.89
CA VAL A 140 17.49 4.53 -21.53
C VAL A 140 17.98 5.92 -21.14
N CYS A 141 17.24 6.95 -21.56
CA CYS A 141 17.64 8.34 -21.35
C CYS A 141 17.02 8.96 -20.11
N GLN A 142 16.23 8.21 -19.36
CA GLN A 142 15.66 8.63 -18.08
C GLN A 142 14.68 9.78 -18.20
N ARG A 143 14.28 10.14 -19.42
CA ARG A 143 13.32 11.22 -19.59
C ARG A 143 12.04 10.91 -18.81
N PRO A 144 11.52 11.85 -18.02
CA PRO A 144 10.24 11.61 -17.35
C PRO A 144 9.07 11.78 -18.31
N PHE A 145 7.94 11.17 -17.94
CA PHE A 145 6.73 11.25 -18.74
C PHE A 145 5.53 11.15 -17.82
N PRO A 146 4.46 11.91 -18.08
CA PRO A 146 3.21 11.69 -17.35
C PRO A 146 2.68 10.28 -17.62
N GLY A 147 2.10 9.68 -16.59
CA GLY A 147 1.55 8.34 -16.74
C GLY A 147 0.50 8.26 -17.82
N GLU A 148 -0.23 9.34 -18.05
CA GLU A 148 -1.27 9.33 -19.08
C GLU A 148 -0.68 9.27 -20.48
N ASP A 149 0.52 9.84 -20.67
CA ASP A 149 1.11 9.87 -22.00
C ASP A 149 1.34 8.48 -22.58
N ILE A 150 1.35 7.44 -21.74
CA ILE A 150 1.59 6.08 -22.18
C ILE A 150 0.38 5.17 -21.95
N ARG A 151 -0.75 5.71 -21.46
CA ARG A 151 -1.88 4.86 -21.12
C ARG A 151 -2.35 4.07 -22.35
N ALA A 152 -2.60 4.77 -23.46
CA ALA A 152 -3.11 4.10 -24.65
C ALA A 152 -2.27 2.87 -24.99
N ASP A 153 -0.96 3.05 -25.10
CA ASP A 153 -0.08 1.94 -25.49
C ASP A 153 -0.37 0.69 -24.66
N VAL A 154 -0.61 0.85 -23.36
CA VAL A 154 -0.86 -0.31 -22.53
C VAL A 154 -2.24 -0.88 -22.79
N MET A 155 -3.21 -0.03 -23.15
CA MET A 155 -4.54 -0.53 -23.46
C MET A 155 -4.56 -1.22 -24.83
N ALA A 156 -3.74 -0.75 -25.76
CA ALA A 156 -3.55 -1.42 -27.04
C ALA A 156 -2.56 -2.58 -26.94
N ASP A 157 -2.23 -3.02 -25.72
CA ASP A 157 -1.29 -4.12 -25.50
C ASP A 157 0.02 -3.89 -26.23
N ARG A 158 0.45 -2.63 -26.27
CA ARG A 158 1.73 -2.26 -26.82
C ARG A 158 2.77 -2.10 -25.70
N VAL A 159 3.99 -1.79 -26.09
CA VAL A 159 5.07 -1.47 -25.17
C VAL A 159 5.44 -0.01 -25.37
N PRO A 160 5.19 0.88 -24.40
CA PRO A 160 5.52 2.29 -24.60
C PRO A 160 6.98 2.48 -24.98
N ARG A 161 7.23 3.45 -25.86
CA ARG A 161 8.58 3.74 -26.33
C ARG A 161 8.84 5.23 -26.29
N CYS A 162 10.06 5.58 -25.90
CA CYS A 162 10.44 6.98 -25.73
C CYS A 162 10.38 7.70 -27.08
N PRO A 163 9.66 8.83 -27.17
CA PRO A 163 9.65 9.59 -28.43
C PRO A 163 10.97 10.26 -28.75
N VAL A 164 11.99 10.10 -27.91
CA VAL A 164 13.28 10.77 -28.07
C VAL A 164 14.37 9.79 -28.48
N CYS A 165 14.45 8.64 -27.80
CA CYS A 165 15.47 7.64 -28.09
C CYS A 165 14.91 6.27 -28.39
N THR A 166 13.59 6.11 -28.42
CA THR A 166 12.91 4.85 -28.74
C THR A 166 13.14 3.77 -27.70
N GLY A 167 13.65 4.13 -26.52
CA GLY A 167 13.79 3.16 -25.45
C GLY A 167 12.44 2.83 -24.84
N VAL A 168 12.44 1.75 -24.06
CA VAL A 168 11.22 1.34 -23.38
C VAL A 168 10.93 2.31 -22.23
N VAL A 169 9.71 2.82 -22.19
CA VAL A 169 9.26 3.66 -21.09
C VAL A 169 8.58 2.77 -20.06
N LYS A 170 9.03 2.86 -18.81
CA LYS A 170 8.52 2.02 -17.74
C LYS A 170 7.69 2.85 -16.78
N PRO A 171 6.44 2.50 -16.52
CA PRO A 171 5.72 3.12 -15.39
C PRO A 171 6.59 3.15 -14.14
N ASP A 172 6.36 4.16 -13.30
CA ASP A 172 7.20 4.38 -12.13
C ASP A 172 6.92 3.38 -11.00
N ILE A 173 6.73 2.12 -11.36
CA ILE A 173 6.63 1.05 -10.36
C ILE A 173 8.03 0.70 -9.89
N VAL A 174 8.24 0.74 -8.58
CA VAL A 174 9.56 0.45 -8.02
C VAL A 174 9.82 -1.05 -8.18
N PHE A 175 10.79 -1.39 -9.01
CA PHE A 175 11.20 -2.77 -9.20
C PHE A 175 12.22 -3.16 -8.14
N PHE A 176 12.46 -4.47 -8.02
CA PHE A 176 13.47 -4.96 -7.11
C PHE A 176 14.84 -4.42 -7.55
N GLY A 177 15.61 -3.93 -6.59
CA GLY A 177 16.87 -3.29 -6.85
C GLY A 177 16.78 -1.80 -7.06
N GLU A 178 15.60 -1.28 -7.39
CA GLU A 178 15.43 0.15 -7.61
C GLU A 178 15.34 0.89 -6.29
N PRO A 179 15.70 2.17 -6.27
CA PRO A 179 15.46 2.98 -5.07
C PRO A 179 13.96 3.23 -4.91
N LEU A 180 13.57 3.51 -3.67
CA LEU A 180 12.19 3.88 -3.39
C LEU A 180 11.98 5.36 -3.68
N PRO A 181 10.75 5.77 -3.97
CA PRO A 181 10.50 7.18 -4.30
C PRO A 181 10.91 8.09 -3.16
N GLN A 182 11.02 9.38 -3.46
CA GLN A 182 11.55 10.33 -2.49
C GLN A 182 10.54 10.65 -1.39
N ARG A 183 9.25 10.57 -1.68
CA ARG A 183 8.25 10.74 -0.63
C ARG A 183 8.38 9.66 0.44
N PHE A 184 9.04 8.54 0.13
CA PHE A 184 9.28 7.52 1.14
C PHE A 184 10.10 8.08 2.31
N LEU A 185 10.98 9.04 2.03
CA LEU A 185 11.86 9.56 3.06
C LEU A 185 11.12 10.45 4.06
N LEU A 186 9.81 10.64 3.90
CA LEU A 186 9.01 11.23 4.95
C LEU A 186 8.89 10.34 6.17
N HIS A 187 9.29 9.07 6.06
CA HIS A 187 9.20 8.15 7.19
C HIS A 187 10.14 8.53 8.32
N VAL A 188 11.18 9.32 8.03
CA VAL A 188 12.12 9.69 9.08
C VAL A 188 11.47 10.60 10.10
N VAL A 189 10.47 11.39 9.70
CA VAL A 189 9.80 12.32 10.57
C VAL A 189 8.45 11.82 11.03
N ASP A 190 7.74 11.07 10.20
CA ASP A 190 6.40 10.65 10.53
C ASP A 190 6.40 9.62 11.65
N PHE A 191 7.19 8.57 11.51
CA PHE A 191 7.10 7.44 12.43
C PHE A 191 7.50 7.82 13.85
N PRO A 192 8.55 8.62 14.03
CA PRO A 192 8.83 9.14 15.38
C PRO A 192 7.74 10.05 15.90
N MET A 193 7.00 10.72 15.00
CA MET A 193 5.90 11.59 15.38
C MET A 193 4.59 10.85 15.59
N ALA A 194 4.51 9.58 15.21
CA ALA A 194 3.28 8.83 15.33
C ALA A 194 3.03 8.43 16.78
N ASP A 195 1.74 8.37 17.13
CA ASP A 195 1.32 7.87 18.44
C ASP A 195 0.56 6.56 18.33
N LEU A 196 0.29 6.09 17.12
CA LEU A 196 -0.34 4.80 16.90
C LEU A 196 0.11 4.31 15.53
N LEU A 197 0.46 3.02 15.44
CA LEU A 197 0.86 2.39 14.19
C LEU A 197 -0.11 1.26 13.87
N LEU A 198 -0.79 1.38 12.74
CA LEU A 198 -1.70 0.35 12.24
C LEU A 198 -1.04 -0.36 11.06
N ILE A 199 -1.08 -1.68 11.07
CA ILE A 199 -0.47 -2.52 10.04
C ILE A 199 -1.57 -3.43 9.51
N LEU A 200 -2.00 -3.19 8.27
CA LEU A 200 -3.14 -3.88 7.69
C LEU A 200 -2.70 -4.70 6.48
N GLY A 201 -2.97 -6.00 6.53
CA GLY A 201 -2.83 -6.86 5.36
C GLY A 201 -1.51 -6.81 4.63
N THR A 202 -0.42 -7.10 5.33
CA THR A 202 0.87 -7.21 4.66
C THR A 202 1.70 -8.28 5.35
N SER A 203 2.48 -9.01 4.56
CA SER A 203 3.40 -10.00 5.09
C SER A 203 4.72 -9.40 5.56
N LEU A 204 4.98 -8.13 5.24
CA LEU A 204 6.18 -7.44 5.68
C LEU A 204 7.44 -8.21 5.27
N GLU A 205 7.43 -8.74 4.05
CA GLU A 205 8.58 -9.45 3.50
C GLU A 205 9.44 -8.57 2.60
N VAL A 206 8.97 -7.37 2.26
CA VAL A 206 9.70 -6.47 1.37
C VAL A 206 10.32 -5.35 2.19
N GLU A 207 11.61 -5.11 1.98
CA GLU A 207 12.37 -4.05 2.61
C GLU A 207 12.69 -2.97 1.58
N PRO A 208 12.96 -1.73 2.03
CA PRO A 208 13.04 -1.27 3.42
C PRO A 208 11.67 -0.97 4.06
N PHE A 209 10.60 -1.23 3.31
CA PHE A 209 9.27 -0.94 3.81
C PHE A 209 8.99 -1.69 5.12
N ALA A 210 9.30 -2.99 5.14
CA ALA A 210 8.93 -3.80 6.31
C ALA A 210 9.61 -3.33 7.58
N SER A 211 10.84 -2.82 7.48
CA SER A 211 11.56 -2.41 8.69
C SER A 211 10.92 -1.20 9.36
N LEU A 212 9.95 -0.55 8.71
CA LEU A 212 9.33 0.63 9.30
C LEU A 212 8.53 0.32 10.56
N THR A 213 8.17 -0.95 10.77
CA THR A 213 7.47 -1.33 11.99
C THR A 213 8.29 -0.98 13.23
N GLU A 214 9.62 -1.06 13.13
CA GLU A 214 10.49 -0.78 14.25
C GLU A 214 10.80 0.70 14.41
N ALA A 215 10.42 1.54 13.45
CA ALA A 215 10.74 2.96 13.50
C ALA A 215 9.84 3.74 14.46
N VAL A 216 8.84 3.11 15.06
CA VAL A 216 8.01 3.76 16.05
C VAL A 216 8.63 3.53 17.44
N ARG A 217 8.19 4.34 18.41
CA ARG A 217 8.73 4.25 19.76
C ARG A 217 8.03 3.13 20.52
N SER A 218 8.75 2.56 21.49
CA SER A 218 8.23 1.41 22.22
C SER A 218 7.00 1.74 23.05
N SER A 219 6.73 3.02 23.28
CA SER A 219 5.50 3.42 23.96
C SER A 219 4.34 3.63 23.00
N VAL A 220 4.54 3.40 21.71
CA VAL A 220 3.50 3.59 20.70
C VAL A 220 2.87 2.24 20.42
N PRO A 221 1.55 2.08 20.61
CA PRO A 221 0.92 0.80 20.26
C PRO A 221 1.10 0.49 18.78
N ARG A 222 1.17 -0.80 18.48
CA ARG A 222 1.23 -1.30 17.11
C ARG A 222 0.13 -2.34 16.95
N LEU A 223 -0.88 -2.03 16.15
CA LEU A 223 -2.01 -2.92 15.92
C LEU A 223 -1.86 -3.54 14.54
N LEU A 224 -1.83 -4.87 14.50
CA LEU A 224 -1.69 -5.62 13.26
C LEU A 224 -2.99 -6.36 12.98
N ILE A 225 -3.61 -6.06 11.85
CA ILE A 225 -4.78 -6.79 11.36
C ILE A 225 -4.32 -7.53 10.12
N ASN A 226 -4.02 -8.82 10.27
CA ASN A 226 -3.50 -9.64 9.20
C ASN A 226 -3.71 -11.09 9.57
N ARG A 227 -3.94 -11.93 8.57
CA ARG A 227 -4.21 -13.34 8.81
C ARG A 227 -3.12 -13.99 9.67
N ASP A 228 -1.89 -13.51 9.56
CA ASP A 228 -0.75 -14.12 10.21
C ASP A 228 0.06 -13.08 10.96
N LEU A 229 0.63 -13.49 12.09
CA LEU A 229 1.63 -12.68 12.78
C LEU A 229 2.95 -12.86 12.04
N VAL A 230 3.40 -11.81 11.37
CA VAL A 230 4.49 -11.91 10.41
C VAL A 230 5.57 -10.89 10.73
N GLY A 231 6.80 -11.21 10.35
CA GLY A 231 7.87 -10.25 10.31
C GLY A 231 8.35 -9.80 11.68
N PRO A 232 8.83 -8.56 11.76
CA PRO A 232 9.44 -8.09 13.01
C PRO A 232 8.53 -8.17 14.22
N LEU A 233 7.20 -8.21 14.02
CA LEU A 233 6.29 -8.27 15.15
C LEU A 233 6.29 -9.63 15.82
N ALA A 234 6.84 -10.66 15.17
CA ALA A 234 6.83 -12.01 15.71
C ALA A 234 8.09 -12.31 16.52
N TRP A 235 9.24 -11.77 16.10
CA TRP A 235 10.51 -12.08 16.73
C TRP A 235 11.05 -10.94 17.58
N HIS A 236 10.51 -9.73 17.46
CA HIS A 236 10.85 -8.61 18.34
C HIS A 236 9.56 -8.01 18.92
N PRO A 237 8.76 -8.81 19.62
CA PRO A 237 7.47 -8.29 20.10
C PRO A 237 7.66 -7.18 21.12
N ARG A 238 6.62 -6.36 21.27
CA ARG A 238 6.62 -5.24 22.19
C ARG A 238 5.40 -5.31 23.08
N SER A 239 5.46 -4.58 24.19
N SER A 239 5.45 -4.58 24.19
CA SER A 239 4.41 -4.68 25.20
CA SER A 239 4.41 -4.69 25.21
C SER A 239 3.08 -4.19 24.66
C SER A 239 3.07 -4.16 24.70
N ARG A 240 3.08 -3.02 24.02
CA ARG A 240 1.85 -2.41 23.52
C ARG A 240 1.51 -2.85 22.10
N ASP A 241 1.99 -4.03 21.69
CA ASP A 241 1.58 -4.62 20.42
C ASP A 241 0.25 -5.34 20.59
N VAL A 242 -0.61 -5.20 19.59
CA VAL A 242 -1.88 -5.92 19.53
C VAL A 242 -1.96 -6.58 18.17
N ALA A 243 -2.47 -7.80 18.14
CA ALA A 243 -2.57 -8.60 16.92
C ALA A 243 -4.00 -9.08 16.79
N GLN A 244 -4.70 -8.56 15.77
CA GLN A 244 -6.04 -9.03 15.41
C GLN A 244 -5.87 -9.96 14.22
N LEU A 245 -5.63 -11.24 14.48
CA LEU A 245 -5.34 -12.20 13.45
C LEU A 245 -6.63 -12.76 12.88
N GLY A 246 -6.67 -12.88 11.56
CA GLY A 246 -7.84 -13.34 10.84
C GLY A 246 -7.99 -12.55 9.56
N ASP A 247 -9.14 -12.73 8.91
CA ASP A 247 -9.42 -12.00 7.68
C ASP A 247 -9.28 -10.50 7.91
N VAL A 248 -8.72 -9.80 6.93
CA VAL A 248 -8.42 -8.39 7.12
C VAL A 248 -9.69 -7.55 7.09
N VAL A 249 -10.66 -7.94 6.26
CA VAL A 249 -11.91 -7.20 6.18
C VAL A 249 -12.68 -7.31 7.49
N HIS A 250 -12.83 -8.54 7.99
CA HIS A 250 -13.56 -8.74 9.24
C HIS A 250 -12.87 -8.05 10.40
N GLY A 251 -11.54 -8.08 10.42
CA GLY A 251 -10.82 -7.40 11.49
C GLY A 251 -11.05 -5.91 11.49
N VAL A 252 -11.01 -5.29 10.30
CA VAL A 252 -11.27 -3.85 10.20
C VAL A 252 -12.71 -3.55 10.58
N GLU A 253 -13.64 -4.41 10.15
CA GLU A 253 -15.04 -4.19 10.50
C GLU A 253 -15.29 -4.35 11.99
N SER A 254 -14.55 -5.26 12.64
CA SER A 254 -14.64 -5.36 14.10
C SER A 254 -14.11 -4.10 14.77
N LEU A 255 -13.04 -3.52 14.22
CA LEU A 255 -12.51 -2.28 14.77
C LEU A 255 -13.47 -1.12 14.51
N VAL A 256 -14.10 -1.10 13.34
CA VAL A 256 -15.04 -0.04 13.02
C VAL A 256 -16.23 -0.06 13.98
N GLU A 257 -16.74 -1.25 14.27
CA GLU A 257 -17.82 -1.37 15.24
C GLU A 257 -17.37 -0.94 16.62
N LEU A 258 -16.19 -1.41 17.04
CA LEU A 258 -15.65 -1.00 18.33
C LEU A 258 -15.40 0.50 18.38
N LEU A 259 -15.19 1.14 17.23
CA LEU A 259 -15.01 2.58 17.18
C LEU A 259 -16.32 3.35 17.12
N GLY A 260 -17.41 2.68 16.74
CA GLY A 260 -18.68 3.35 16.56
C GLY A 260 -18.86 4.01 15.21
N TRP A 261 -18.11 3.58 14.19
CA TRP A 261 -18.12 4.22 12.89
C TRP A 261 -18.89 3.42 11.84
N THR A 262 -19.60 2.36 12.24
CA THR A 262 -20.21 1.47 11.28
C THR A 262 -21.13 2.22 10.33
N GLU A 263 -22.10 2.96 10.86
CA GLU A 263 -23.07 3.63 10.02
C GLU A 263 -22.44 4.77 9.22
N GLU A 264 -21.58 5.57 9.86
CA GLU A 264 -20.85 6.58 9.12
C GLU A 264 -20.04 5.96 8.00
N MET A 265 -19.50 4.76 8.24
CA MET A 265 -18.85 4.03 7.16
C MET A 265 -19.85 3.68 6.06
N ARG A 266 -20.97 3.04 6.45
CA ARG A 266 -22.00 2.68 5.49
C ARG A 266 -22.46 3.88 4.66
N ASP A 267 -22.40 5.08 5.22
CA ASP A 267 -22.73 6.26 4.41
C ASP A 267 -21.61 6.55 3.44
N LEU A 268 -20.37 6.57 3.93
CA LEU A 268 -19.23 6.90 3.07
C LEU A 268 -19.08 5.88 1.94
N VAL A 269 -19.19 4.60 2.25
CA VAL A 269 -18.93 3.54 1.24
C VAL A 269 -19.95 3.68 0.12
N GLN A 270 -21.22 3.95 0.42
CA GLN A 270 -22.31 4.01 -0.58
C GLN A 270 -22.22 5.29 -1.40
N ARG A 271 -21.77 6.39 -0.81
CA ARG A 271 -21.69 7.67 -1.52
C ARG A 271 -20.44 7.74 -2.40
N GLU A 272 -19.31 7.25 -1.90
CA GLU A 272 -18.09 7.27 -2.70
C GLU A 272 -18.13 6.26 -3.83
N THR A 273 -18.87 5.16 -3.65
CA THR A 273 -18.99 4.17 -4.71
C THR A 273 -19.89 4.68 -5.82
N GLY A 274 -21.06 5.21 -5.47
CA GLY A 274 -21.95 5.76 -6.47
C GLY A 274 -21.36 6.92 -7.23
N LYS A 275 -20.50 7.70 -6.57
CA LYS A 275 -19.81 8.79 -7.26
C LYS A 275 -19.09 8.26 -8.50
N LEU A 276 -18.53 7.06 -8.41
CA LEU A 276 -17.82 6.44 -9.51
C LEU A 276 -18.75 5.72 -10.47
N ASP A 277 -20.06 5.77 -10.23
CA ASP A 277 -21.04 5.18 -11.15
C ASP A 277 -20.81 3.69 -11.34
N GLY B 1 20.76 0.39 2.66
CA GLY B 1 19.56 -0.42 2.64
C GLY B 1 18.30 0.37 2.27
N GLY B 2 18.41 1.19 1.24
CA GLY B 2 17.30 1.96 0.72
C GLY B 2 16.72 1.43 -0.57
N ALA B 3 17.29 0.36 -1.13
CA ALA B 3 16.81 -0.20 -2.38
C ALA B 3 15.87 -1.37 -2.13
N LYS B 4 14.80 -1.41 -2.92
CA LYS B 4 13.82 -2.49 -2.81
C LYS B 4 14.48 -3.85 -2.94
N ARG B 5 14.06 -4.78 -2.09
CA ARG B 5 14.61 -6.13 -2.09
C ARG B 5 13.66 -7.04 -1.33
N HIS B 6 13.53 -8.27 -1.78
N HIS B 6 13.54 -8.28 -1.78
CA HIS B 6 12.76 -9.28 -1.04
CA HIS B 6 12.80 -9.29 -1.07
C HIS B 6 13.69 -9.98 -0.06
C HIS B 6 13.71 -9.95 -0.04
N ARG B 7 13.10 -10.43 1.05
CA ARG B 7 13.88 -11.10 2.10
C ARG B 7 14.77 -12.19 1.55
N LYS B 8 14.38 -12.80 0.43
CA LYS B 8 15.13 -13.90 -0.17
C LYS B 8 15.99 -13.38 -1.32
#